data_4A5U
#
_entry.id   4A5U
#
_cell.length_a   135.200
_cell.length_b   135.200
_cell.length_c   41.900
_cell.angle_alpha   90.00
_cell.angle_beta   90.00
_cell.angle_gamma   120.00
#
_symmetry.space_group_name_H-M   'P 31 2 1'
#
loop_
_entity.id
_entity.type
_entity.pdbx_description
1 polymer 'RNA REPLICASE POLYPROTEIN'
2 polymer '30S RIBOSOMAL PROTEIN S15'
3 water water
#
loop_
_entity_poly.entity_id
_entity_poly.type
_entity_poly.pdbx_seq_one_letter_code
_entity_poly.pdbx_strand_id
1 'polypeptide(L)'
;MHHHHHHGSSQLLPAPLTNDPTAIGPVLPFEELHPRRYPENTATFLTRLRSLPSNHLPQPTLNCLLSAVSDQTKVSEEHL
WESLQTILPDSQLSNEETNTLGLSTEHLTALAHLYNFQATVYSDRGPILFGPSDTIKRIDITHTTGPPSHFSPGKRLLGS
;
A
2 'polypeptide(L)'
;SLSTEATAKIVSEFGRDANDTGSTEVQVALLTAQINHLQGHFAEHKKDHHSRRGLLRMVSQRRKLLDYLKRKDVARYTQL
IERLGLRR
;
B
#
# COMPACT_ATOMS: atom_id res chain seq x y z
N LEU A 13 0.04 0.28 -19.67
CA LEU A 13 -0.25 0.06 -18.25
C LEU A 13 -0.25 -1.43 -17.92
N PRO A 14 0.38 -1.79 -16.78
CA PRO A 14 0.41 -3.19 -16.32
C PRO A 14 -1.00 -3.74 -16.12
N ALA A 15 -1.39 -4.70 -16.96
CA ALA A 15 -2.71 -5.31 -16.88
C ALA A 15 -3.07 -5.89 -15.50
N PRO A 16 -2.14 -6.62 -14.85
CA PRO A 16 -2.54 -7.18 -13.55
C PRO A 16 -2.84 -6.07 -12.54
N LEU A 17 -2.05 -5.01 -12.60
CA LEU A 17 -2.26 -3.86 -11.75
C LEU A 17 -3.61 -3.19 -12.03
N THR A 18 -3.97 -3.03 -13.31
CA THR A 18 -5.23 -2.38 -13.65
C THR A 18 -6.45 -3.23 -13.28
N ASN A 19 -6.25 -4.53 -13.10
CA ASN A 19 -7.35 -5.40 -12.66
C ASN A 19 -7.26 -5.82 -11.19
N ASP A 20 -6.33 -5.24 -10.46
CA ASP A 20 -6.10 -5.63 -9.06
C ASP A 20 -7.23 -5.17 -8.14
N PRO A 21 -7.98 -6.13 -7.55
CA PRO A 21 -9.12 -5.78 -6.70
C PRO A 21 -8.73 -4.96 -5.44
N THR A 22 -7.49 -5.08 -4.99
CA THR A 22 -7.05 -4.36 -3.79
C THR A 22 -6.74 -2.89 -4.04
N ALA A 23 -6.75 -2.50 -5.31
CA ALA A 23 -6.34 -1.15 -5.70
C ALA A 23 -7.52 -0.29 -6.14
N ILE A 24 -7.31 1.02 -6.18
CA ILE A 24 -8.32 1.94 -6.68
C ILE A 24 -7.64 3.06 -7.47
N GLY A 25 -8.37 3.65 -8.41
CA GLY A 25 -7.90 4.82 -9.14
C GLY A 25 -6.96 4.47 -10.29
N PRO A 26 -6.40 5.51 -10.90
CA PRO A 26 -5.54 5.35 -12.09
C PRO A 26 -4.16 4.82 -11.71
N VAL A 27 -3.51 4.21 -12.69
CA VAL A 27 -2.12 3.83 -12.57
C VAL A 27 -1.25 5.09 -12.64
N LEU A 28 -0.41 5.29 -11.64
CA LEU A 28 0.43 6.48 -11.56
C LEU A 28 1.80 6.16 -10.96
N PRO A 29 2.81 6.97 -11.25
CA PRO A 29 4.09 6.79 -10.57
C PRO A 29 3.92 6.84 -9.06
N PHE A 30 4.71 6.04 -8.36
CA PHE A 30 4.64 6.00 -6.90
C PHE A 30 4.76 7.41 -6.30
N GLU A 31 5.70 8.20 -6.80
CA GLU A 31 5.95 9.52 -6.24
C GLU A 31 4.79 10.48 -6.50
N GLU A 32 3.98 10.21 -7.51
CA GLU A 32 2.81 11.05 -7.76
C GLU A 32 1.72 10.77 -6.73
N LEU A 33 1.61 9.51 -6.32
CA LEU A 33 0.60 9.14 -5.33
C LEU A 33 1.09 9.39 -3.91
N HIS A 34 2.40 9.34 -3.71
CA HIS A 34 2.97 9.52 -2.38
C HIS A 34 4.14 10.46 -2.46
N PRO A 35 3.86 11.75 -2.70
CA PRO A 35 4.90 12.74 -2.96
C PRO A 35 5.86 12.91 -1.78
N ARG A 36 7.15 12.81 -2.06
CA ARG A 36 8.23 13.07 -1.11
C ARG A 36 9.38 13.62 -1.96
N ARG A 37 10.54 13.82 -1.36
CA ARG A 37 11.73 14.22 -2.11
C ARG A 37 12.55 12.99 -2.46
N TYR A 38 12.16 12.29 -3.53
CA TYR A 38 12.85 11.07 -3.93
C TYR A 38 13.97 11.38 -4.92
N PRO A 39 15.05 10.60 -4.86
CA PRO A 39 16.14 10.72 -5.84
C PRO A 39 15.62 10.48 -7.26
N GLU A 40 16.21 11.15 -8.23
CA GLU A 40 15.75 11.07 -9.62
C GLU A 40 15.69 9.64 -10.12
N ASN A 41 14.63 9.31 -10.85
CA ASN A 41 14.46 7.96 -11.44
C ASN A 41 14.37 6.85 -10.42
N THR A 42 14.01 7.23 -9.20
CA THR A 42 13.51 6.28 -8.22
C THR A 42 12.11 6.81 -7.91
N ALA A 43 11.26 5.93 -7.40
CA ALA A 43 9.86 6.25 -7.10
C ALA A 43 9.03 6.61 -8.34
N THR A 44 9.56 6.27 -9.52
CA THR A 44 8.83 6.51 -10.76
C THR A 44 8.02 5.27 -11.16
N PHE A 45 8.29 4.13 -10.53
CA PHE A 45 7.58 2.89 -10.86
C PHE A 45 6.07 3.05 -10.71
N LEU A 46 5.31 2.42 -11.62
CA LEU A 46 3.87 2.58 -11.66
C LEU A 46 3.19 1.78 -10.55
N THR A 47 2.14 2.35 -9.98
CA THR A 47 1.39 1.67 -8.93
C THR A 47 -0.01 2.25 -8.90
N ARG A 48 -0.80 1.87 -7.90
CA ARG A 48 -2.12 2.44 -7.69
C ARG A 48 -2.33 2.54 -6.19
N LEU A 49 -3.26 3.39 -5.80
CA LEU A 49 -3.63 3.56 -4.41
C LEU A 49 -4.18 2.25 -3.86
N ARG A 50 -3.77 1.89 -2.64
CA ARG A 50 -4.28 0.70 -1.97
C ARG A 50 -5.67 1.00 -1.40
N SER A 51 -6.67 0.21 -1.81
CA SER A 51 -8.05 0.45 -1.36
C SER A 51 -8.51 -0.52 -0.28
N LEU A 52 -8.23 -1.81 -0.48
CA LEU A 52 -8.75 -2.83 0.43
C LEU A 52 -7.73 -3.08 1.53
N PRO A 53 -8.21 -3.51 2.71
CA PRO A 53 -7.28 -3.74 3.82
C PRO A 53 -6.43 -4.99 3.56
N SER A 54 -5.54 -5.28 4.49
CA SER A 54 -4.54 -6.32 4.31
C SER A 54 -5.16 -7.71 4.14
N ASN A 55 -4.59 -8.50 3.25
CA ASN A 55 -4.99 -9.88 3.11
C ASN A 55 -4.06 -10.78 3.88
N HIS A 56 -3.10 -10.18 4.58
CA HIS A 56 -2.15 -10.90 5.39
C HIS A 56 -1.44 -11.97 4.58
N LEU A 57 -0.86 -11.55 3.46
CA LEU A 57 -0.09 -12.45 2.60
C LEU A 57 1.04 -13.09 3.39
N PRO A 58 1.39 -14.34 3.06
CA PRO A 58 2.56 -14.96 3.67
C PRO A 58 3.77 -14.12 3.33
N GLN A 59 4.74 -14.04 4.22
CA GLN A 59 5.97 -13.36 3.86
C GLN A 59 6.57 -14.08 2.66
N PRO A 60 7.26 -13.33 1.79
CA PRO A 60 7.87 -13.96 0.62
C PRO A 60 8.93 -14.95 1.07
N THR A 61 9.07 -16.07 0.36
CA THR A 61 10.17 -17.00 0.62
C THR A 61 11.52 -16.29 0.44
N LEU A 62 11.62 -15.49 -0.61
CA LEU A 62 12.85 -14.76 -0.91
C LEU A 62 12.83 -13.38 -0.24
N ASN A 63 13.03 -13.37 1.09
CA ASN A 63 12.72 -12.17 1.86
C ASN A 63 13.89 -11.41 2.45
N CYS A 64 15.12 -11.65 1.97
CA CYS A 64 16.26 -11.03 2.66
C CYS A 64 16.36 -9.51 2.53
N LEU A 65 15.63 -8.90 1.60
CA LEU A 65 15.52 -7.44 1.63
C LEU A 65 14.86 -7.04 2.94
N LEU A 66 13.79 -7.73 3.33
CA LEU A 66 13.11 -7.45 4.59
C LEU A 66 14.07 -7.67 5.77
N SER A 67 14.82 -8.76 5.74
CA SER A 67 15.79 -9.02 6.80
C SER A 67 16.85 -7.92 6.90
N ALA A 68 17.34 -7.47 5.74
CA ALA A 68 18.33 -6.39 5.71
C ALA A 68 17.75 -5.11 6.29
N VAL A 69 16.56 -4.72 5.85
CA VAL A 69 15.91 -3.52 6.38
C VAL A 69 15.62 -3.70 7.87
N SER A 70 15.20 -4.91 8.24
CA SER A 70 14.90 -5.21 9.64
C SER A 70 16.12 -5.01 10.53
N ASP A 71 17.27 -5.50 10.08
CA ASP A 71 18.49 -5.36 10.86
C ASP A 71 18.80 -3.89 11.11
N GLN A 72 18.52 -3.06 10.10
CA GLN A 72 18.89 -1.66 10.13
C GLN A 72 17.89 -0.77 10.87
N THR A 73 16.62 -1.17 10.90
CA THR A 73 15.56 -0.33 11.45
C THR A 73 15.04 -0.84 12.79
N LYS A 74 15.36 -2.09 13.09
CA LYS A 74 14.87 -2.80 14.27
C LYS A 74 13.36 -3.03 14.22
N VAL A 75 12.81 -3.03 13.01
CA VAL A 75 11.41 -3.38 12.82
C VAL A 75 11.39 -4.80 12.30
N SER A 76 10.52 -5.65 12.84
CA SER A 76 10.47 -7.05 12.42
C SER A 76 10.11 -7.20 10.95
N GLU A 77 10.55 -8.28 10.32
CA GLU A 77 10.20 -8.56 8.93
C GLU A 77 8.69 -8.61 8.77
N GLU A 78 8.01 -9.22 9.74
CA GLU A 78 6.58 -9.36 9.68
C GLU A 78 5.91 -7.99 9.66
N HIS A 79 6.40 -7.07 10.49
CA HIS A 79 5.84 -5.72 10.52
C HIS A 79 6.13 -4.94 9.24
N LEU A 80 7.35 -5.08 8.73
CA LEU A 80 7.70 -4.44 7.46
C LEU A 80 6.75 -4.92 6.36
N TRP A 81 6.50 -6.22 6.33
CA TRP A 81 5.67 -6.84 5.30
C TRP A 81 4.20 -6.39 5.43
N GLU A 82 3.66 -6.39 6.65
CA GLU A 82 2.31 -5.88 6.81
CA GLU A 82 2.33 -5.85 6.91
C GLU A 82 2.22 -4.41 6.40
N SER A 83 3.25 -3.61 6.69
CA SER A 83 3.24 -2.21 6.24
C SER A 83 3.15 -2.07 4.74
N LEU A 84 3.89 -2.91 4.02
CA LEU A 84 3.88 -2.84 2.57
C LEU A 84 2.47 -3.10 2.06
N GLN A 85 1.74 -3.97 2.76
CA GLN A 85 0.38 -4.32 2.38
C GLN A 85 -0.64 -3.19 2.62
N THR A 86 -0.24 -2.15 3.37
CA THR A 86 -1.08 -0.96 3.53
C THR A 86 -0.90 0.04 2.39
N ILE A 87 0.11 -0.15 1.56
CA ILE A 87 0.40 0.88 0.57
C ILE A 87 0.50 0.37 -0.88
N LEU A 88 0.98 -0.86 -1.09
CA LEU A 88 1.01 -1.42 -2.44
C LEU A 88 -0.14 -2.43 -2.63
N PRO A 89 -0.75 -2.43 -3.82
CA PRO A 89 -1.73 -3.47 -4.20
C PRO A 89 -1.06 -4.84 -4.15
N ASP A 90 -1.83 -5.87 -3.82
CA ASP A 90 -1.28 -7.22 -3.69
C ASP A 90 -0.52 -7.71 -4.93
N SER A 91 -0.97 -7.29 -6.11
CA SER A 91 -0.32 -7.75 -7.36
C SER A 91 1.15 -7.34 -7.42
N GLN A 92 1.52 -6.36 -6.59
CA GLN A 92 2.88 -5.85 -6.57
C GLN A 92 3.72 -6.45 -5.44
N LEU A 93 3.07 -7.28 -4.65
CA LEU A 93 3.70 -7.90 -3.48
C LEU A 93 3.85 -9.42 -3.66
N SER A 94 2.88 -10.04 -4.31
CA SER A 94 2.91 -11.49 -4.51
C SER A 94 2.65 -11.79 -5.96
N ASN A 95 3.70 -12.13 -6.68
CA ASN A 95 3.58 -12.38 -8.10
C ASN A 95 4.73 -13.29 -8.52
N GLU A 96 4.76 -13.63 -9.80
CA GLU A 96 5.78 -14.51 -10.36
C GLU A 96 7.18 -13.99 -10.07
N GLU A 97 7.36 -12.68 -10.18
CA GLU A 97 8.69 -12.09 -9.97
C GLU A 97 9.14 -12.23 -8.51
N THR A 98 8.28 -11.88 -7.57
CA THR A 98 8.67 -11.91 -6.15
C THR A 98 8.91 -13.33 -5.74
N ASN A 99 8.14 -14.25 -6.30
CA ASN A 99 8.29 -15.66 -5.94
C ASN A 99 9.52 -16.34 -6.55
N THR A 100 10.15 -15.72 -7.55
CA THR A 100 11.28 -16.36 -8.20
C THR A 100 12.57 -15.57 -8.03
N LEU A 101 12.45 -14.25 -7.99
CA LEU A 101 13.62 -13.40 -7.99
C LEU A 101 13.71 -12.55 -6.72
N GLY A 102 12.62 -12.49 -5.96
CA GLY A 102 12.62 -11.74 -4.72
C GLY A 102 12.04 -10.33 -4.81
N LEU A 103 12.28 -9.55 -3.77
CA LEU A 103 11.80 -8.18 -3.68
C LEU A 103 12.81 -7.25 -4.34
N SER A 104 12.40 -6.01 -4.59
CA SER A 104 13.19 -5.12 -5.39
C SER A 104 13.38 -3.80 -4.69
N THR A 105 14.16 -2.94 -5.32
CA THR A 105 14.41 -1.60 -4.81
C THR A 105 13.14 -0.74 -4.87
N GLU A 106 12.12 -1.20 -5.60
CA GLU A 106 10.82 -0.54 -5.54
C GLU A 106 10.14 -0.76 -4.19
N HIS A 107 10.22 -1.99 -3.69
CA HIS A 107 9.74 -2.28 -2.33
C HIS A 107 10.53 -1.49 -1.29
N LEU A 108 11.82 -1.33 -1.54
CA LEU A 108 12.68 -0.57 -0.61
C LEU A 108 12.20 0.87 -0.53
N THR A 109 11.92 1.45 -1.69
CA THR A 109 11.40 2.81 -1.75
C THR A 109 10.10 2.95 -0.97
N ALA A 110 9.21 1.97 -1.12
CA ALA A 110 7.94 2.00 -0.42
C ALA A 110 8.15 1.94 1.08
N LEU A 111 9.02 1.03 1.53
CA LEU A 111 9.37 0.94 2.94
C LEU A 111 9.99 2.23 3.45
N ALA A 112 10.86 2.83 2.64
CA ALA A 112 11.54 4.06 3.04
C ALA A 112 10.54 5.20 3.26
N HIS A 113 9.49 5.24 2.44
CA HIS A 113 8.42 6.21 2.63
C HIS A 113 7.64 5.90 3.91
N LEU A 114 7.21 4.66 4.07
CA LEU A 114 6.44 4.22 5.24
C LEU A 114 7.17 4.48 6.53
N TYR A 115 8.47 4.20 6.53
CA TYR A 115 9.24 4.30 7.76
C TYR A 115 10.16 5.51 7.81
N ASN A 116 10.04 6.40 6.82
CA ASN A 116 10.78 7.65 6.84
C ASN A 116 12.28 7.49 6.97
N PHE A 117 12.88 6.70 6.09
CA PHE A 117 14.34 6.66 6.02
C PHE A 117 14.79 6.83 4.59
N GLN A 118 16.10 7.00 4.41
CA GLN A 118 16.70 6.90 3.10
C GLN A 118 17.78 5.85 3.17
N ALA A 119 17.73 4.90 2.24
CA ALA A 119 18.70 3.82 2.21
C ALA A 119 19.80 4.12 1.22
N THR A 120 21.02 3.77 1.60
CA THR A 120 22.11 3.70 0.65
C THR A 120 22.31 2.23 0.33
N VAL A 121 22.10 1.87 -0.92
CA VAL A 121 22.31 0.49 -1.34
C VAL A 121 23.70 0.39 -1.95
N TYR A 122 24.56 -0.39 -1.30
CA TYR A 122 25.94 -0.59 -1.74
C TYR A 122 25.96 -1.77 -2.70
N SER A 123 25.75 -1.47 -3.98
CA SER A 123 25.64 -2.50 -4.99
C SER A 123 27.03 -2.80 -5.51
N ASP A 124 27.15 -3.84 -6.34
CA ASP A 124 28.44 -4.22 -6.92
C ASP A 124 29.07 -3.05 -7.67
N ARG A 125 28.23 -2.16 -8.19
CA ARG A 125 28.69 -1.07 -9.04
C ARG A 125 28.64 0.26 -8.32
N GLY A 126 28.51 0.19 -6.99
CA GLY A 126 28.55 1.38 -6.18
C GLY A 126 27.27 1.67 -5.42
N PRO A 127 27.31 2.68 -4.56
CA PRO A 127 26.21 3.14 -3.70
C PRO A 127 25.10 3.80 -4.53
N ILE A 128 23.85 3.44 -4.22
CA ILE A 128 22.68 4.02 -4.87
C ILE A 128 21.70 4.40 -3.78
N LEU A 129 21.13 5.60 -3.88
CA LEU A 129 20.15 6.07 -2.89
C LEU A 129 18.73 5.69 -3.28
N PHE A 130 17.99 5.17 -2.29
CA PHE A 130 16.57 4.91 -2.47
C PHE A 130 15.85 5.42 -1.23
N GLY A 131 14.74 6.12 -1.43
CA GLY A 131 13.93 6.60 -0.32
C GLY A 131 13.94 8.12 -0.26
N PRO A 132 12.98 8.70 0.47
CA PRO A 132 12.83 10.15 0.52
C PRO A 132 13.99 10.82 1.26
N SER A 133 14.47 11.94 0.72
CA SER A 133 15.50 12.76 1.35
C SER A 133 14.94 13.57 2.52
N ASP A 134 13.64 13.83 2.49
CA ASP A 134 13.02 14.60 3.57
C ASP A 134 12.79 13.67 4.77
N THR A 135 13.90 13.16 5.29
CA THR A 135 13.92 12.19 6.39
C THR A 135 15.21 12.39 7.17
N ILE A 136 15.29 11.79 8.36
CA ILE A 136 16.50 11.84 9.15
C ILE A 136 17.17 10.49 9.24
N LYS A 137 16.37 9.44 9.42
CA LYS A 137 16.89 8.10 9.54
C LYS A 137 17.62 7.66 8.27
N ARG A 138 18.77 7.02 8.44
CA ARG A 138 19.58 6.61 7.31
C ARG A 138 19.94 5.16 7.54
N ILE A 139 19.81 4.33 6.51
CA ILE A 139 20.23 2.94 6.63
C ILE A 139 21.15 2.52 5.50
N ASP A 140 21.92 1.47 5.77
CA ASP A 140 22.86 0.91 4.82
C ASP A 140 22.47 -0.51 4.52
N ILE A 141 22.41 -0.81 3.23
CA ILE A 141 22.05 -2.12 2.75
C ILE A 141 23.00 -2.46 1.62
N THR A 142 23.48 -3.69 1.59
CA THR A 142 24.38 -4.10 0.53
C THR A 142 23.58 -4.91 -0.49
N HIS A 143 23.87 -4.77 -1.77
CA HIS A 143 23.33 -5.68 -2.77
C HIS A 143 24.43 -6.26 -3.63
N THR A 144 24.38 -7.56 -3.86
CA THR A 144 25.26 -8.13 -4.85
C THR A 144 24.49 -9.03 -5.80
N THR A 145 24.95 -9.10 -7.04
CA THR A 145 24.38 -10.04 -7.99
C THR A 145 24.87 -11.43 -7.63
N GLY A 146 25.91 -11.48 -6.82
CA GLY A 146 26.43 -12.75 -6.34
C GLY A 146 27.07 -13.55 -7.44
N PRO A 147 26.54 -14.74 -7.75
CA PRO A 147 25.28 -15.33 -7.25
C PRO A 147 25.36 -15.90 -5.83
N PRO A 148 24.21 -15.99 -5.14
CA PRO A 148 22.90 -15.53 -5.64
C PRO A 148 22.71 -14.02 -5.48
N SER A 149 21.73 -13.47 -6.17
CA SER A 149 21.43 -12.06 -6.03
C SER A 149 20.88 -11.88 -4.61
N HIS A 150 21.48 -10.98 -3.85
CA HIS A 150 21.27 -10.99 -2.40
C HIS A 150 21.38 -9.61 -1.77
N PHE A 151 20.43 -9.25 -0.90
CA PHE A 151 20.54 -8.04 -0.07
C PHE A 151 21.07 -8.42 1.31
N SER A 152 21.81 -7.51 1.94
CA SER A 152 22.23 -7.77 3.32
C SER A 152 22.48 -6.45 3.99
N PRO A 153 22.53 -6.44 5.34
CA PRO A 153 22.71 -5.12 5.95
C PRO A 153 24.17 -4.71 5.97
N GLY A 154 24.43 -3.40 5.93
CA GLY A 154 25.79 -2.91 6.04
C GLY A 154 26.33 -2.35 4.74
N LYS A 155 27.62 -2.04 4.74
CA LYS A 155 28.27 -1.38 3.62
C LYS A 155 29.26 -2.30 2.93
N ARG A 156 29.50 -2.05 1.66
CA ARG A 156 30.48 -2.80 0.90
C ARG A 156 30.98 -1.93 -0.23
N LEU A 157 32.29 -1.86 -0.42
CA LEU A 157 32.86 -1.07 -1.50
C LEU A 157 33.83 -1.92 -2.29
N LEU A 158 33.84 -1.73 -3.60
CA LEU A 158 34.75 -2.45 -4.47
C LEU A 158 35.49 -1.44 -5.31
N GLY A 159 36.64 -1.85 -5.84
CA GLY A 159 37.32 -1.03 -6.80
C GLY A 159 38.73 -1.49 -7.02
N SER A 160 39.43 -0.79 -7.90
CA SER A 160 40.87 -0.93 -7.95
C SER A 160 41.48 0.41 -7.62
N SER B 1 -20.30 18.23 1.63
CA SER B 1 -20.11 16.86 1.17
C SER B 1 -21.42 16.29 0.67
N LEU B 2 -21.90 15.25 1.36
CA LEU B 2 -23.17 14.61 1.00
C LEU B 2 -24.35 15.39 1.58
N SER B 3 -25.39 15.54 0.78
CA SER B 3 -26.62 16.18 1.24
C SER B 3 -27.24 15.33 2.32
N THR B 4 -28.15 15.92 3.10
CA THR B 4 -28.86 15.19 4.13
C THR B 4 -29.68 14.07 3.50
N GLU B 5 -30.16 14.30 2.29
CA GLU B 5 -30.97 13.30 1.58
C GLU B 5 -30.13 12.12 1.12
N ALA B 6 -28.97 12.41 0.52
CA ALA B 6 -28.07 11.36 0.07
C ALA B 6 -27.60 10.53 1.27
N THR B 7 -27.20 11.23 2.32
CA THR B 7 -26.77 10.59 3.56
C THR B 7 -27.85 9.66 4.12
N ALA B 8 -29.08 10.16 4.19
CA ALA B 8 -30.18 9.38 4.74
C ALA B 8 -30.44 8.12 3.92
N LYS B 9 -30.41 8.25 2.60
CA LYS B 9 -30.64 7.12 1.71
C LYS B 9 -29.60 6.01 1.92
N ILE B 10 -28.35 6.42 2.12
CA ILE B 10 -27.28 5.46 2.36
C ILE B 10 -27.45 4.76 3.71
N VAL B 11 -27.78 5.53 4.75
CA VAL B 11 -28.04 4.95 6.06
C VAL B 11 -29.16 3.92 5.97
N SER B 12 -30.23 4.24 5.24
CA SER B 12 -31.36 3.33 5.05
C SER B 12 -30.94 2.05 4.35
N GLU B 13 -30.12 2.20 3.32
CA GLU B 13 -29.70 1.06 2.54
C GLU B 13 -28.74 0.14 3.29
N PHE B 14 -27.82 0.72 4.07
CA PHE B 14 -26.77 -0.09 4.67
C PHE B 14 -26.89 -0.31 6.17
N GLY B 15 -27.78 0.45 6.81
CA GLY B 15 -27.93 0.36 8.26
C GLY B 15 -29.20 -0.35 8.65
N ARG B 16 -29.33 -0.65 9.94
CA ARG B 16 -30.52 -1.32 10.48
CA ARG B 16 -30.51 -1.31 10.49
CA ARG B 16 -30.52 -1.33 10.45
C ARG B 16 -31.73 -0.42 10.35
N ASP B 17 -31.55 0.86 10.64
CA ASP B 17 -32.61 1.86 10.57
C ASP B 17 -31.93 3.21 10.52
N ALA B 18 -32.71 4.29 10.53
CA ALA B 18 -32.15 5.64 10.47
C ALA B 18 -31.18 5.99 11.60
N ASN B 19 -31.24 5.26 12.71
CA ASN B 19 -30.39 5.55 13.87
C ASN B 19 -29.11 4.74 13.92
N ASP B 20 -28.89 3.92 12.91
CA ASP B 20 -27.77 2.98 12.91
C ASP B 20 -26.48 3.60 12.35
N THR B 21 -26.04 4.70 12.93
CA THR B 21 -24.89 5.38 12.37
C THR B 21 -23.56 4.91 12.99
N GLY B 22 -23.65 4.03 13.99
CA GLY B 22 -22.48 3.31 14.46
C GLY B 22 -22.05 2.18 13.53
N SER B 23 -22.88 1.85 12.55
CA SER B 23 -22.60 0.74 11.64
C SER B 23 -21.36 1.01 10.77
N THR B 24 -20.41 0.09 10.79
CA THR B 24 -19.25 0.18 9.90
C THR B 24 -19.68 0.15 8.42
N GLU B 25 -20.66 -0.70 8.10
CA GLU B 25 -21.19 -0.76 6.74
C GLU B 25 -21.62 0.62 6.26
N VAL B 26 -22.42 1.29 7.07
CA VAL B 26 -22.92 2.63 6.75
C VAL B 26 -21.76 3.62 6.56
N GLN B 27 -20.82 3.59 7.49
CA GLN B 27 -19.68 4.51 7.44
C GLN B 27 -18.85 4.29 6.18
N VAL B 28 -18.64 3.03 5.85
CA VAL B 28 -17.91 2.69 4.63
C VAL B 28 -18.70 3.12 3.39
N ALA B 29 -20.01 2.89 3.40
CA ALA B 29 -20.82 3.28 2.25
C ALA B 29 -20.83 4.80 2.05
N LEU B 30 -20.91 5.55 3.13
CA LEU B 30 -20.87 7.01 3.04
C LEU B 30 -19.54 7.50 2.43
N LEU B 31 -18.43 6.93 2.91
CA LEU B 31 -17.12 7.29 2.36
C LEU B 31 -17.02 6.94 0.89
N THR B 32 -17.55 5.77 0.53
CA THR B 32 -17.54 5.30 -0.85
C THR B 32 -18.27 6.28 -1.77
N ALA B 33 -19.44 6.74 -1.36
CA ALA B 33 -20.18 7.72 -2.14
C ALA B 33 -19.36 9.00 -2.34
N GLN B 34 -18.65 9.46 -1.31
CA GLN B 34 -17.81 10.63 -1.43
C GLN B 34 -16.59 10.38 -2.32
N ILE B 35 -15.98 9.21 -2.16
CA ILE B 35 -14.86 8.82 -2.99
C ILE B 35 -15.26 8.75 -4.47
N ASN B 36 -16.41 8.13 -4.75
CA ASN B 36 -16.90 8.05 -6.12
C ASN B 36 -17.24 9.42 -6.70
N HIS B 37 -17.78 10.30 -5.86
CA HIS B 37 -18.04 11.68 -6.29
C HIS B 37 -16.76 12.39 -6.67
N LEU B 38 -15.71 12.16 -5.87
CA LEU B 38 -14.45 12.86 -6.07
C LEU B 38 -13.75 12.41 -7.34
N GLN B 39 -13.85 11.13 -7.65
CA GLN B 39 -13.25 10.61 -8.87
C GLN B 39 -14.06 11.05 -10.09
N GLY B 40 -15.34 11.35 -9.86
CA GLY B 40 -16.25 11.76 -10.92
C GLY B 40 -15.88 13.08 -11.54
N HIS B 41 -15.20 13.93 -10.78
CA HIS B 41 -14.71 15.21 -11.30
C HIS B 41 -13.36 15.03 -11.99
N PHE B 42 -12.60 14.04 -11.54
CA PHE B 42 -11.27 13.78 -12.09
C PHE B 42 -11.34 13.13 -13.46
N SER B 51 -7.79 18.34 -5.05
CA SER B 51 -8.08 17.63 -3.80
C SER B 51 -7.74 16.15 -3.90
N ARG B 52 -6.61 15.84 -4.53
CA ARG B 52 -6.10 14.48 -4.53
C ARG B 52 -5.80 14.05 -3.09
N ARG B 53 -5.52 15.03 -2.24
CA ARG B 53 -5.30 14.80 -0.83
C ARG B 53 -6.57 14.32 -0.14
N GLY B 54 -7.70 14.93 -0.48
CA GLY B 54 -8.97 14.57 0.11
C GLY B 54 -9.34 13.16 -0.27
N LEU B 55 -9.03 12.79 -1.51
CA LEU B 55 -9.28 11.46 -2.02
C LEU B 55 -8.47 10.42 -1.26
N LEU B 56 -7.16 10.66 -1.14
CA LEU B 56 -6.31 9.74 -0.39
C LEU B 56 -6.81 9.62 1.03
N ARG B 57 -7.22 10.74 1.63
CA ARG B 57 -7.66 10.70 3.03
C ARG B 57 -8.85 9.79 3.21
N MET B 58 -9.81 9.87 2.29
CA MET B 58 -11.02 9.07 2.40
C MET B 58 -10.79 7.60 2.11
N VAL B 59 -9.98 7.33 1.09
CA VAL B 59 -9.65 5.96 0.75
C VAL B 59 -8.94 5.32 1.93
N SER B 60 -7.98 6.05 2.51
CA SER B 60 -7.24 5.60 3.68
C SER B 60 -8.16 5.28 4.88
N GLN B 61 -8.99 6.23 5.30
CA GLN B 61 -9.96 6.00 6.37
C GLN B 61 -10.85 4.80 6.07
N ARG B 62 -11.39 4.74 4.86
CA ARG B 62 -12.25 3.63 4.48
C ARG B 62 -11.54 2.28 4.61
N ARG B 63 -10.28 2.25 4.19
CA ARG B 63 -9.48 1.02 4.25
C ARG B 63 -9.37 0.54 5.70
N LYS B 64 -9.12 1.49 6.61
CA LYS B 64 -9.01 1.19 8.03
C LYS B 64 -10.34 0.74 8.65
N LEU B 65 -11.43 1.37 8.23
CA LEU B 65 -12.75 0.88 8.67
C LEU B 65 -12.99 -0.53 8.16
N LEU B 66 -12.64 -0.78 6.89
CA LEU B 66 -12.81 -2.11 6.31
C LEU B 66 -12.00 -3.14 7.08
N ASP B 67 -10.79 -2.75 7.47
CA ASP B 67 -9.89 -3.61 8.24
C ASP B 67 -10.57 -3.97 9.56
N TYR B 68 -11.11 -2.96 10.22
CA TYR B 68 -11.84 -3.16 11.46
C TYR B 68 -12.96 -4.20 11.26
N LEU B 69 -13.75 -4.03 10.20
CA LEU B 69 -14.88 -4.94 9.96
C LEU B 69 -14.40 -6.34 9.60
N LYS B 70 -13.32 -6.41 8.81
CA LYS B 70 -12.81 -7.69 8.34
C LYS B 70 -12.33 -8.53 9.52
N ARG B 71 -11.68 -7.87 10.46
CA ARG B 71 -11.18 -8.53 11.65
C ARG B 71 -12.34 -9.04 12.52
N LYS B 72 -13.44 -8.30 12.57
CA LYS B 72 -14.60 -8.69 13.36
C LYS B 72 -15.40 -9.83 12.72
N ASP B 73 -15.62 -9.74 11.41
CA ASP B 73 -16.55 -10.63 10.73
C ASP B 73 -16.25 -10.62 9.25
N VAL B 74 -15.44 -11.59 8.81
CA VAL B 74 -15.01 -11.67 7.42
C VAL B 74 -16.20 -11.71 6.45
N ALA B 75 -17.26 -12.41 6.83
CA ALA B 75 -18.42 -12.56 5.96
C ALA B 75 -19.14 -11.23 5.75
N ARG B 76 -19.26 -10.44 6.82
CA ARG B 76 -19.84 -9.10 6.69
C ARG B 76 -18.94 -8.23 5.80
N TYR B 77 -17.62 -8.33 5.99
CA TYR B 77 -16.67 -7.59 5.16
C TYR B 77 -16.86 -7.95 3.69
N THR B 78 -16.91 -9.24 3.40
CA THR B 78 -17.06 -9.72 2.02
C THR B 78 -18.36 -9.24 1.38
N GLN B 79 -19.47 -9.38 2.11
CA GLN B 79 -20.76 -8.92 1.60
C GLN B 79 -20.74 -7.42 1.31
N LEU B 80 -20.10 -6.66 2.20
CA LEU B 80 -20.09 -5.21 2.04
C LEU B 80 -19.29 -4.80 0.79
N ILE B 81 -18.10 -5.36 0.61
CA ILE B 81 -17.28 -4.93 -0.52
C ILE B 81 -17.91 -5.37 -1.86
N GLU B 82 -18.61 -6.49 -1.87
N GLU B 82 -18.63 -6.50 -1.82
CA GLU B 82 -19.30 -6.86 -3.10
CA GLU B 82 -19.37 -7.02 -2.98
C GLU B 82 -20.47 -5.93 -3.36
C GLU B 82 -20.55 -6.12 -3.35
N ARG B 83 -21.28 -5.65 -2.33
CA ARG B 83 -22.41 -4.75 -2.54
C ARG B 83 -21.98 -3.39 -3.06
N LEU B 84 -20.83 -2.91 -2.61
CA LEU B 84 -20.32 -1.61 -3.04
C LEU B 84 -19.46 -1.68 -4.32
N GLY B 85 -19.26 -2.89 -4.84
CA GLY B 85 -18.41 -3.09 -6.01
C GLY B 85 -16.96 -2.66 -5.82
N LEU B 86 -16.43 -2.86 -4.61
CA LEU B 86 -15.07 -2.37 -4.30
C LEU B 86 -13.98 -3.27 -4.87
N ARG B 87 -14.36 -4.38 -5.48
CA ARG B 87 -13.36 -5.24 -6.11
C ARG B 87 -13.22 -4.95 -7.59
N ARG B 88 -13.35 -3.68 -7.96
N ARG B 88 -13.45 -3.69 -7.97
CA ARG B 88 -13.25 -3.20 -9.34
CA ARG B 88 -13.55 -3.24 -9.36
C ARG B 88 -14.39 -3.74 -10.20
C ARG B 88 -14.64 -3.98 -10.11
#